data_1AJ4
#
_entry.id   1AJ4
#
_cell.length_a   1.000
_cell.length_b   1.000
_cell.length_c   1.000
_cell.angle_alpha   90.00
_cell.angle_beta   90.00
_cell.angle_gamma   90.00
#
_symmetry.space_group_name_H-M   'P 1'
#
loop_
_entity.id
_entity.type
_entity.pdbx_description
1 polymer 'TROPONIN C'
2 non-polymer 'CALCIUM ION'
#
_entity_poly.entity_id   1
_entity_poly.type   'polypeptide(L)'
_entity_poly.pdbx_seq_one_letter_code
;AADIYKAAVEQLTEEQKNEFKAAFDIFVLGAEDGSISTKELGKVMRMLGQNPTPEELQEMIDEVDEDGSGTVDFDEFLVM
MVRSMKDDSKGKTEEELSDLFRMFDKNADGYIDLEELKIMLQATGETITEDDIEELMKDGDKNNDGRIDYDEFLEFMKGV
E
;
_entity_poly.pdbx_strand_id   A
#
loop_
_chem_comp.id
_chem_comp.type
_chem_comp.name
_chem_comp.formula
CA non-polymer 'CALCIUM ION' 'Ca 2'
#
# COMPACT_ATOMS: atom_id res chain seq x y z
N ALA A 2 -8.07 -2.56 -10.48
CA ALA A 2 -6.82 -2.67 -11.27
C ALA A 2 -5.81 -3.56 -10.53
N ASP A 3 -4.56 -3.47 -10.89
CA ASP A 3 -3.54 -4.32 -10.21
C ASP A 3 -3.07 -3.65 -8.91
N ILE A 4 -2.57 -4.42 -7.98
CA ILE A 4 -2.09 -3.82 -6.69
C ILE A 4 -0.58 -4.00 -6.57
N TYR A 5 -0.11 -5.22 -6.59
CA TYR A 5 1.36 -5.45 -6.47
C TYR A 5 2.04 -5.28 -7.82
N LYS A 6 1.52 -5.93 -8.84
CA LYS A 6 2.15 -5.81 -10.19
C LYS A 6 2.43 -4.34 -10.51
N ALA A 7 1.58 -3.45 -10.09
CA ALA A 7 1.81 -2.00 -10.38
C ALA A 7 3.09 -1.53 -9.69
N ALA A 8 3.40 -2.08 -8.55
CA ALA A 8 4.65 -1.67 -7.83
C ALA A 8 5.87 -2.38 -8.42
N VAL A 9 5.71 -3.60 -8.86
CA VAL A 9 6.86 -4.36 -9.43
C VAL A 9 7.12 -3.92 -10.87
N GLU A 10 6.09 -3.60 -11.61
CA GLU A 10 6.30 -3.17 -13.03
C GLU A 10 7.25 -1.98 -13.09
N GLN A 11 7.46 -1.32 -11.98
CA GLN A 11 8.37 -0.14 -11.98
C GLN A 11 9.76 -0.55 -11.47
N LEU A 12 9.88 -1.72 -10.93
CA LEU A 12 11.21 -2.17 -10.42
C LEU A 12 12.31 -1.83 -11.44
N THR A 13 13.55 -1.91 -11.03
CA THR A 13 14.65 -1.60 -11.97
C THR A 13 15.25 -2.89 -12.53
N GLU A 14 15.73 -2.85 -13.74
CA GLU A 14 16.32 -4.08 -14.35
C GLU A 14 17.22 -4.80 -13.33
N GLU A 15 17.95 -4.05 -12.55
CA GLU A 15 18.85 -4.68 -11.54
C GLU A 15 18.02 -5.42 -10.48
N GLN A 16 16.76 -5.11 -10.37
CA GLN A 16 15.90 -5.78 -9.36
C GLN A 16 15.34 -7.09 -9.94
N LYS A 17 14.71 -7.02 -11.08
CA LYS A 17 14.13 -8.26 -11.69
C LYS A 17 15.24 -9.31 -11.90
N ASN A 18 16.33 -8.91 -12.50
CA ASN A 18 17.44 -9.89 -12.74
C ASN A 18 17.90 -10.49 -11.41
N GLU A 19 18.10 -9.68 -10.40
CA GLU A 19 18.55 -10.21 -9.09
C GLU A 19 17.44 -11.07 -8.46
N PHE A 20 16.21 -10.65 -8.61
CA PHE A 20 15.08 -11.43 -8.02
C PHE A 20 14.83 -12.70 -8.84
N LYS A 21 14.43 -12.54 -10.08
CA LYS A 21 14.18 -13.75 -10.93
C LYS A 21 15.36 -14.72 -10.83
N ALA A 22 16.54 -14.20 -10.67
CA ALA A 22 17.73 -15.10 -10.55
C ALA A 22 17.78 -15.75 -9.17
N ALA A 23 17.73 -14.96 -8.13
CA ALA A 23 17.77 -15.53 -6.76
C ALA A 23 16.77 -16.68 -6.64
N PHE A 24 15.54 -16.45 -7.02
CA PHE A 24 14.52 -17.54 -6.94
C PHE A 24 15.06 -18.80 -7.63
N ASP A 25 15.55 -18.66 -8.83
CA ASP A 25 16.09 -19.85 -9.55
C ASP A 25 17.30 -20.40 -8.81
N ILE A 26 17.85 -19.66 -7.90
CA ILE A 26 19.03 -20.14 -7.13
C ILE A 26 18.61 -20.64 -5.75
N PHE A 27 17.47 -20.20 -5.28
CA PHE A 27 17.00 -20.66 -3.94
C PHE A 27 15.97 -21.78 -4.09
N VAL A 28 15.35 -21.88 -5.24
CA VAL A 28 14.34 -22.94 -5.45
C VAL A 28 15.04 -24.29 -5.67
N LEU A 29 16.33 -24.27 -5.87
CA LEU A 29 17.07 -25.55 -6.08
C LEU A 29 16.73 -26.54 -4.96
N GLY A 30 16.43 -26.04 -3.79
CA GLY A 30 16.08 -26.94 -2.66
C GLY A 30 14.56 -27.02 -2.52
N ALA A 31 13.85 -26.40 -3.43
CA ALA A 31 12.36 -26.42 -3.36
C ALA A 31 11.83 -27.77 -3.87
N GLU A 32 10.59 -27.83 -4.25
CA GLU A 32 10.02 -29.11 -4.75
C GLU A 32 8.98 -28.84 -5.83
N ASP A 33 8.20 -27.81 -5.67
CA ASP A 33 7.16 -27.48 -6.71
C ASP A 33 7.62 -26.29 -7.56
N GLY A 34 8.86 -25.91 -7.43
CA GLY A 34 9.36 -24.76 -8.24
C GLY A 34 8.95 -23.44 -7.58
N SER A 35 9.01 -23.37 -6.28
CA SER A 35 8.63 -22.12 -5.58
C SER A 35 9.39 -22.00 -4.26
N ILE A 36 9.26 -20.89 -3.58
CA ILE A 36 10.00 -20.73 -2.28
C ILE A 36 9.05 -20.20 -1.21
N SER A 37 8.59 -21.04 -0.33
CA SER A 37 7.68 -20.59 0.75
C SER A 37 8.49 -19.92 1.87
N THR A 38 7.83 -19.42 2.88
CA THR A 38 8.57 -18.75 4.00
C THR A 38 9.80 -19.58 4.38
N LYS A 39 9.76 -20.87 4.14
CA LYS A 39 10.93 -21.73 4.48
C LYS A 39 12.05 -21.55 3.44
N GLU A 40 11.68 -21.34 2.20
CA GLU A 40 12.73 -21.16 1.15
C GLU A 40 12.97 -19.67 0.89
N LEU A 41 11.95 -18.87 1.00
CA LEU A 41 12.12 -17.40 0.77
C LEU A 41 12.86 -16.76 1.95
N GLY A 42 13.01 -17.48 3.02
CA GLY A 42 13.71 -16.91 4.21
C GLY A 42 15.19 -16.70 3.87
N LYS A 43 15.75 -17.57 3.06
CA LYS A 43 17.19 -17.43 2.70
C LYS A 43 17.36 -16.38 1.59
N VAL A 44 16.29 -16.05 0.91
CA VAL A 44 16.39 -15.05 -0.19
C VAL A 44 16.26 -13.63 0.38
N MET A 45 15.58 -13.48 1.48
CA MET A 45 15.43 -12.12 2.08
C MET A 45 16.73 -11.68 2.75
N ARG A 46 17.29 -12.52 3.59
CA ARG A 46 18.56 -12.14 4.27
C ARG A 46 19.68 -11.92 3.25
N MET A 47 19.60 -12.57 2.13
CA MET A 47 20.67 -12.40 1.10
C MET A 47 20.45 -11.11 0.30
N LEU A 48 19.21 -10.75 0.09
CA LEU A 48 18.92 -9.50 -0.68
C LEU A 48 19.13 -8.28 0.21
N GLY A 49 18.15 -7.93 1.01
CA GLY A 49 18.30 -6.74 1.89
C GLY A 49 17.09 -6.64 2.82
N GLN A 50 16.80 -7.68 3.54
CA GLN A 50 15.63 -7.63 4.47
C GLN A 50 15.96 -8.36 5.78
N ASN A 51 15.40 -7.93 6.87
CA ASN A 51 15.68 -8.59 8.17
C ASN A 51 14.38 -8.97 8.87
N PRO A 52 13.53 -9.63 8.14
CA PRO A 52 12.22 -10.07 8.69
C PRO A 52 12.42 -11.22 9.67
N THR A 53 11.43 -11.48 10.51
CA THR A 53 11.57 -12.60 11.49
C THR A 53 10.77 -13.81 11.01
N PRO A 54 10.96 -14.91 11.69
CA PRO A 54 10.25 -16.16 11.35
C PRO A 54 8.78 -16.07 11.74
N GLU A 55 8.50 -15.43 12.85
CA GLU A 55 7.08 -15.31 13.29
C GLU A 55 6.31 -14.39 12.35
N GLU A 56 6.89 -13.28 11.97
CA GLU A 56 6.19 -12.35 11.04
C GLU A 56 6.23 -12.89 9.61
N LEU A 57 7.30 -13.53 9.24
CA LEU A 57 7.41 -14.08 7.86
C LEU A 57 6.10 -14.79 7.47
N GLN A 58 5.77 -15.85 8.16
CA GLN A 58 4.51 -16.58 7.83
C GLN A 58 3.35 -15.59 7.68
N GLU A 59 3.32 -14.57 8.50
CA GLU A 59 2.21 -13.57 8.43
C GLU A 59 2.34 -12.76 7.14
N MET A 60 3.54 -12.36 6.79
CA MET A 60 3.72 -11.57 5.54
C MET A 60 3.08 -12.28 4.34
N ILE A 61 3.41 -13.53 4.14
CA ILE A 61 2.82 -14.28 2.99
C ILE A 61 1.32 -14.47 3.21
N ASP A 62 0.94 -15.11 4.28
CA ASP A 62 -0.50 -15.33 4.56
C ASP A 62 -1.30 -14.06 4.24
N GLU A 63 -0.68 -12.92 4.34
CA GLU A 63 -1.41 -11.65 4.05
C GLU A 63 -1.39 -11.35 2.55
N VAL A 64 -0.24 -11.44 1.92
CA VAL A 64 -0.16 -11.16 0.46
C VAL A 64 -0.57 -12.40 -0.34
N ASP A 65 -0.44 -13.56 0.25
CA ASP A 65 -0.83 -14.81 -0.49
C ASP A 65 -2.34 -14.83 -0.73
N GLU A 66 -2.74 -15.08 -1.95
CA GLU A 66 -4.20 -15.12 -2.26
C GLU A 66 -4.83 -16.39 -1.69
N ASP A 67 -4.03 -17.29 -1.18
CA ASP A 67 -4.58 -18.55 -0.61
C ASP A 67 -4.10 -18.73 0.83
N GLY A 68 -3.17 -17.92 1.26
CA GLY A 68 -2.66 -18.05 2.66
C GLY A 68 -2.06 -19.45 2.85
N SER A 69 -0.93 -19.71 2.25
CA SER A 69 -0.30 -21.04 2.40
C SER A 69 1.15 -20.91 2.88
N GLY A 70 1.78 -19.80 2.56
CA GLY A 70 3.19 -19.62 3.00
C GLY A 70 4.13 -19.84 1.81
N THR A 71 3.59 -20.24 0.68
CA THR A 71 4.45 -20.48 -0.51
C THR A 71 4.57 -19.21 -1.34
N VAL A 72 5.62 -19.08 -2.11
CA VAL A 72 5.80 -17.87 -2.96
C VAL A 72 6.56 -18.22 -4.24
N ASP A 73 5.98 -17.94 -5.38
CA ASP A 73 6.67 -18.26 -6.66
C ASP A 73 7.18 -16.97 -7.33
N PHE A 74 7.51 -17.04 -8.59
CA PHE A 74 8.02 -15.83 -9.30
C PHE A 74 7.06 -14.65 -9.07
N ASP A 75 5.81 -14.94 -8.87
CA ASP A 75 4.83 -13.83 -8.65
C ASP A 75 4.82 -13.42 -7.16
N GLU A 76 4.39 -14.29 -6.29
CA GLU A 76 4.36 -13.94 -4.85
C GLU A 76 5.69 -13.31 -4.43
N PHE A 77 6.77 -13.67 -5.08
CA PHE A 77 8.09 -13.08 -4.71
C PHE A 77 8.09 -11.58 -5.02
N LEU A 78 7.96 -11.21 -6.27
CA LEU A 78 7.94 -9.76 -6.63
C LEU A 78 6.86 -9.04 -5.82
N VAL A 79 5.92 -9.77 -5.29
CA VAL A 79 4.84 -9.13 -4.49
C VAL A 79 5.31 -8.94 -3.04
N MET A 80 6.28 -9.70 -2.62
CA MET A 80 6.78 -9.57 -1.22
C MET A 80 7.65 -8.31 -1.09
N MET A 81 7.98 -7.68 -2.19
CA MET A 81 8.81 -6.44 -2.12
C MET A 81 7.92 -5.22 -2.32
N VAL A 82 6.74 -5.42 -2.83
CA VAL A 82 5.82 -4.27 -3.05
C VAL A 82 5.26 -3.80 -1.71
N ARG A 83 5.10 -4.70 -0.78
CA ARG A 83 4.55 -4.33 0.55
C ARG A 83 5.69 -3.97 1.50
N SER A 84 6.88 -4.42 1.21
CA SER A 84 8.04 -4.11 2.09
C SER A 84 8.78 -2.86 1.58
N MET A 85 8.39 -2.36 0.44
CA MET A 85 9.06 -1.14 -0.10
C MET A 85 8.16 0.08 0.08
N LYS A 86 7.03 0.11 -0.56
CA LYS A 86 6.11 1.27 -0.41
C LYS A 86 4.70 0.80 -0.07
N ASP A 87 3.75 1.70 -0.04
CA ASP A 87 2.35 1.31 0.29
C ASP A 87 2.28 0.65 1.68
N ASP A 88 1.63 1.30 2.61
CA ASP A 88 1.54 0.72 3.98
C ASP A 88 2.91 0.31 4.48
N SER A 89 3.80 1.24 4.68
CA SER A 89 5.17 0.90 5.17
C SER A 89 6.00 2.16 5.37
N LYS A 90 6.09 3.00 4.37
CA LYS A 90 6.89 4.24 4.51
C LYS A 90 6.39 5.07 5.69
N GLY A 91 7.07 6.14 6.01
CA GLY A 91 6.62 6.99 7.16
C GLY A 91 5.21 7.52 6.90
N LYS A 92 4.57 8.04 7.90
CA LYS A 92 3.19 8.57 7.71
C LYS A 92 2.67 9.15 9.03
N THR A 93 2.69 10.44 9.18
CA THR A 93 2.21 11.06 10.44
C THR A 93 1.58 12.43 10.14
N GLU A 94 2.05 13.47 10.77
CA GLU A 94 1.46 14.82 10.50
C GLU A 94 1.84 15.30 9.11
N GLU A 95 2.92 14.79 8.57
CA GLU A 95 3.34 15.22 7.20
C GLU A 95 2.50 14.50 6.14
N GLU A 96 2.22 13.24 6.33
CA GLU A 96 1.40 12.50 5.34
C GLU A 96 0.00 13.13 5.21
N LEU A 97 -0.47 13.75 6.25
CA LEU A 97 -1.83 14.38 6.20
C LEU A 97 -1.78 15.66 5.36
N SER A 98 -0.76 16.46 5.54
CA SER A 98 -0.66 17.72 4.76
C SER A 98 -0.45 17.42 3.27
N ASP A 99 0.49 16.58 2.96
CA ASP A 99 0.75 16.23 1.53
C ASP A 99 -0.53 15.70 0.88
N LEU A 100 -1.21 14.78 1.52
CA LEU A 100 -2.45 14.23 0.93
C LEU A 100 -3.44 15.34 0.60
N PHE A 101 -3.44 16.39 1.39
CA PHE A 101 -4.39 17.52 1.11
C PHE A 101 -3.99 18.24 -0.18
N ARG A 102 -2.79 18.72 -0.25
CA ARG A 102 -2.34 19.45 -1.48
C ARG A 102 -2.19 18.48 -2.65
N MET A 103 -2.25 17.20 -2.38
CA MET A 103 -2.10 16.21 -3.48
C MET A 103 -3.48 15.74 -3.97
N PHE A 104 -4.52 16.05 -3.23
CA PHE A 104 -5.88 15.63 -3.64
C PHE A 104 -6.74 16.84 -3.99
N ASP A 105 -6.27 18.02 -3.67
CA ASP A 105 -7.07 19.25 -3.99
C ASP A 105 -7.39 19.31 -5.49
N LYS A 106 -8.48 18.71 -5.89
CA LYS A 106 -8.84 18.74 -7.34
C LYS A 106 -9.07 20.18 -7.79
N ASN A 107 -9.76 20.96 -7.00
CA ASN A 107 -10.00 22.38 -7.38
C ASN A 107 -8.72 23.19 -7.23
N ALA A 108 -7.76 22.65 -6.52
CA ALA A 108 -6.47 23.38 -6.32
C ALA A 108 -6.74 24.84 -5.98
N ASP A 109 -7.35 25.11 -4.86
CA ASP A 109 -7.63 26.52 -4.47
C ASP A 109 -7.25 26.75 -3.00
N GLY A 110 -6.54 25.83 -2.41
CA GLY A 110 -6.14 26.00 -0.98
C GLY A 110 -7.11 25.21 -0.08
N TYR A 111 -8.31 25.01 -0.53
CA TYR A 111 -9.30 24.25 0.29
C TYR A 111 -9.95 23.16 -0.56
N ILE A 112 -10.76 22.33 0.04
CA ILE A 112 -11.42 21.26 -0.76
C ILE A 112 -12.90 21.15 -0.39
N ASP A 113 -13.74 20.98 -1.38
CA ASP A 113 -15.20 20.86 -1.09
C ASP A 113 -15.65 19.40 -1.20
N LEU A 114 -16.92 19.14 -1.11
CA LEU A 114 -17.40 17.73 -1.19
C LEU A 114 -17.12 17.14 -2.58
N GLU A 115 -17.35 17.91 -3.62
CA GLU A 115 -17.09 17.39 -5.00
C GLU A 115 -15.63 16.95 -5.15
N GLU A 116 -14.75 17.53 -4.39
CA GLU A 116 -13.32 17.15 -4.50
C GLU A 116 -13.01 15.95 -3.59
N LEU A 117 -13.49 15.97 -2.39
CA LEU A 117 -13.22 14.83 -1.46
C LEU A 117 -13.73 13.52 -2.08
N LYS A 118 -14.82 13.59 -2.80
CA LYS A 118 -15.37 12.36 -3.43
C LYS A 118 -14.33 11.73 -4.36
N ILE A 119 -13.51 12.55 -4.97
CA ILE A 119 -12.46 12.00 -5.89
C ILE A 119 -11.29 11.45 -5.09
N MET A 120 -10.94 12.10 -4.01
CA MET A 120 -9.80 11.62 -3.18
C MET A 120 -10.07 10.19 -2.70
N LEU A 121 -11.28 9.90 -2.33
CA LEU A 121 -11.61 8.52 -1.86
C LEU A 121 -11.65 7.56 -3.05
N GLN A 122 -12.02 8.04 -4.20
CA GLN A 122 -12.07 7.15 -5.39
C GLN A 122 -10.65 6.71 -5.74
N ALA A 123 -9.69 7.51 -5.42
CA ALA A 123 -8.27 7.13 -5.71
C ALA A 123 -7.82 6.08 -4.70
N THR A 124 -8.56 5.90 -3.64
CA THR A 124 -8.16 4.89 -2.61
C THR A 124 -9.40 4.15 -2.09
N GLY A 125 -10.48 4.15 -2.82
CA GLY A 125 -11.70 3.45 -2.34
C GLY A 125 -12.53 2.97 -3.53
N GLU A 126 -13.55 2.21 -3.29
CA GLU A 126 -14.39 1.71 -4.41
C GLU A 126 -15.28 2.84 -4.94
N THR A 127 -16.40 2.50 -5.52
CA THR A 127 -17.31 3.56 -6.06
C THR A 127 -18.46 3.81 -5.09
N ILE A 128 -18.30 4.75 -4.19
CA ILE A 128 -19.39 5.05 -3.21
C ILE A 128 -20.33 6.11 -3.78
N THR A 129 -21.46 6.30 -3.16
CA THR A 129 -22.42 7.33 -3.67
C THR A 129 -22.33 8.60 -2.83
N GLU A 130 -22.83 9.70 -3.33
CA GLU A 130 -22.77 10.97 -2.56
C GLU A 130 -23.46 10.80 -1.21
N ASP A 131 -24.29 9.80 -1.08
CA ASP A 131 -25.02 9.59 0.21
C ASP A 131 -24.02 9.24 1.33
N ASP A 132 -23.10 8.35 1.06
CA ASP A 132 -22.11 7.98 2.09
C ASP A 132 -21.05 9.08 2.25
N ILE A 133 -20.61 9.64 1.17
CA ILE A 133 -19.57 10.71 1.25
C ILE A 133 -20.23 12.03 1.69
N GLU A 134 -21.52 12.03 1.88
CA GLU A 134 -22.20 13.28 2.32
C GLU A 134 -21.96 13.52 3.80
N GLU A 135 -21.97 12.49 4.60
CA GLU A 135 -21.74 12.66 6.06
C GLU A 135 -20.25 12.77 6.35
N LEU A 136 -19.42 12.30 5.46
CA LEU A 136 -17.94 12.38 5.69
C LEU A 136 -17.49 13.84 5.68
N MET A 137 -17.96 14.61 4.73
CA MET A 137 -17.55 16.04 4.66
C MET A 137 -18.21 16.83 5.80
N LYS A 138 -19.39 16.43 6.20
CA LYS A 138 -20.09 17.16 7.29
C LYS A 138 -19.29 17.04 8.60
N ASP A 139 -19.01 15.84 9.03
CA ASP A 139 -18.23 15.68 10.29
C ASP A 139 -16.76 16.04 10.06
N GLY A 140 -16.32 16.04 8.83
CA GLY A 140 -14.90 16.39 8.55
C GLY A 140 -14.73 17.91 8.59
N ASP A 141 -15.82 18.64 8.62
CA ASP A 141 -15.72 20.12 8.66
C ASP A 141 -15.64 20.61 10.12
N LYS A 142 -14.53 21.15 10.51
CA LYS A 142 -14.39 21.65 11.91
C LYS A 142 -15.32 22.83 12.15
N ASN A 143 -15.77 23.48 11.11
CA ASN A 143 -16.69 24.64 11.28
C ASN A 143 -17.88 24.52 10.34
N ASN A 144 -18.00 23.40 9.67
CA ASN A 144 -19.15 23.22 8.73
C ASN A 144 -19.31 24.44 7.82
N ASP A 145 -18.41 24.62 6.89
CA ASP A 145 -18.52 25.79 5.98
C ASP A 145 -18.57 25.34 4.52
N GLY A 146 -18.18 24.11 4.25
CA GLY A 146 -18.20 23.61 2.86
C GLY A 146 -16.78 23.32 2.38
N ARG A 147 -15.86 24.20 2.68
CA ARG A 147 -14.44 23.97 2.25
C ARG A 147 -13.62 23.41 3.41
N ILE A 148 -12.59 22.67 3.10
CA ILE A 148 -11.74 22.10 4.19
C ILE A 148 -10.28 22.50 3.95
N ASP A 149 -9.66 23.10 4.93
CA ASP A 149 -8.24 23.53 4.75
C ASP A 149 -7.30 22.53 5.45
N TYR A 150 -6.04 22.87 5.54
CA TYR A 150 -5.06 21.95 6.20
C TYR A 150 -5.38 21.82 7.70
N ASP A 151 -6.04 22.79 8.27
CA ASP A 151 -6.37 22.70 9.72
C ASP A 151 -7.56 21.77 9.95
N GLU A 152 -8.70 22.12 9.40
CA GLU A 152 -9.91 21.26 9.59
C GLU A 152 -9.64 19.84 9.08
N PHE A 153 -8.94 19.72 7.98
CA PHE A 153 -8.64 18.36 7.44
C PHE A 153 -7.86 17.53 8.47
N LEU A 154 -6.99 18.15 9.22
CA LEU A 154 -6.21 17.40 10.23
C LEU A 154 -7.14 16.59 11.13
N GLU A 155 -8.21 17.19 11.58
CA GLU A 155 -9.16 16.45 12.48
C GLU A 155 -10.01 15.49 11.65
N PHE A 156 -10.58 15.95 10.58
CA PHE A 156 -11.43 15.06 9.73
C PHE A 156 -10.74 13.70 9.53
N MET A 157 -9.44 13.69 9.45
CA MET A 157 -8.73 12.39 9.25
C MET A 157 -8.33 11.79 10.60
N LYS A 158 -8.05 12.61 11.58
CA LYS A 158 -7.64 12.07 12.91
C LYS A 158 -8.78 11.24 13.51
N GLY A 159 -10.00 11.56 13.21
CA GLY A 159 -11.15 10.80 13.77
C GLY A 159 -12.47 11.38 13.26
N VAL A 160 -13.43 10.54 13.00
CA VAL A 160 -14.75 11.06 12.50
C VAL A 160 -15.85 10.02 12.78
N GLU A 161 -15.66 8.81 12.33
CA GLU A 161 -16.69 7.76 12.58
C GLU A 161 -16.26 6.85 13.73
CA CA B . 0.99 -18.82 -1.73
CA CA C . -10.57 23.10 -3.65
CA CA D . -13.88 24.29 6.63
#